data_1NR6
#
_entry.id   1NR6
#
_cell.length_a   73.94
_cell.length_b   130.02
_cell.length_c   172.78
_cell.angle_alpha   90.00
_cell.angle_beta   90.00
_cell.angle_gamma   90.00
#
_symmetry.space_group_name_H-M   'I 2 2 2'
#
loop_
_entity.id
_entity.type
_entity.pdbx_description
1 polymer 'CYTOCHROME P450 2C5'
2 non-polymer 'SULFATE ION'
3 non-polymer 'PROTOPORPHYRIN IX CONTAINING FE'
4 non-polymer '2-[2,6-DICHLOROPHENYL)AMINO]BENZENEACETIC ACID'
5 water water
#
_entity_poly.entity_id   1
_entity_poly.type   'polypeptide(L)'
_entity_poly.pdbx_seq_one_letter_code
;MAKKTSSKGKLPPGPTPFPIIGNILQIDAKDISKSLTKFSECYGPVFTVYLGMKPTVVLHGYEAVKEALVDLGEEFAGRG
SVPILEKVSKGLGIAFSNAKTWKEMRRFSLMTLRNFGMGKRSIEDRIQEEARCLVEELRKTNASPCDPTFILGCAPCNVI
CSVIFHNRFDYKDEEFLKLMESLHENVELLGTPWLQVYNNFPALLDYFPGIHKTLLKNADYIKNFIMEKVKEHQKLLDVN
NPRDFIDCFLIKMEQENNLEFTLESLVIAVSDLFGAGTETTSTTLRYSLLLLLKHPEVAARVQEEIERVIGRHRSPCMQD
RSRMPYTDAVIHEIQRFIDLLPTNLPHAVTRDVRFRNYFIPKGTDIITSLTSVLHDEKAFPNPKVFDPGHFLDESGNFKK
SDYFMPFSAGKRMCVGEGLARMELFLFLTSILQNFKLQSLVEPKDLDITAVVNGFVSVPPSYQLCFIPIHHHH
;
_entity_poly.pdbx_strand_id   A
#
# COMPACT_ATOMS: atom_id res chain seq x y z
N GLY A 9 -24.42 -15.53 20.88
CA GLY A 9 -23.20 -15.94 21.64
C GLY A 9 -22.19 -16.73 20.81
N LYS A 10 -21.09 -17.12 21.45
CA LYS A 10 -19.99 -17.89 20.88
C LYS A 10 -19.19 -17.37 19.66
N LEU A 11 -17.87 -17.38 19.84
CA LEU A 11 -16.92 -16.95 18.81
C LEU A 11 -16.85 -18.05 17.76
N PRO A 12 -16.37 -17.71 16.55
CA PRO A 12 -16.25 -18.71 15.47
C PRO A 12 -15.28 -19.81 15.89
N PRO A 13 -15.36 -20.99 15.27
CA PRO A 13 -14.47 -22.11 15.59
C PRO A 13 -13.03 -21.79 15.23
N GLY A 14 -12.09 -22.65 15.65
CA GLY A 14 -10.69 -22.39 15.33
C GLY A 14 -9.77 -23.42 15.93
N PRO A 15 -8.48 -23.43 15.54
CA PRO A 15 -7.52 -24.39 16.09
C PRO A 15 -7.43 -24.25 17.59
N THR A 16 -7.24 -25.36 18.28
CA THR A 16 -7.14 -25.36 19.73
C THR A 16 -5.90 -24.58 20.14
N PRO A 17 -6.09 -23.48 20.88
CA PRO A 17 -4.99 -22.64 21.34
C PRO A 17 -4.23 -23.17 22.56
N PHE A 18 -2.92 -23.27 22.43
CA PHE A 18 -2.10 -23.70 23.55
C PHE A 18 -2.14 -22.53 24.55
N PRO A 19 -2.15 -22.83 25.86
CA PRO A 19 -2.19 -21.78 26.89
C PRO A 19 -1.16 -20.65 26.74
N ILE A 20 -1.66 -19.42 26.85
CA ILE A 20 -0.85 -18.20 26.76
C ILE A 20 -0.29 -17.81 25.40
N ILE A 21 0.37 -18.72 24.70
CA ILE A 21 0.93 -18.39 23.39
C ILE A 21 -0.05 -18.49 22.24
N GLY A 22 -1.22 -19.08 22.49
CA GLY A 22 -2.23 -19.22 21.45
C GLY A 22 -1.89 -20.19 20.34
N ASN A 23 -2.30 -19.85 19.11
CA ASN A 23 -2.08 -20.69 17.94
C ASN A 23 -0.77 -20.41 17.20
N ILE A 24 0.11 -19.62 17.81
CA ILE A 24 1.38 -19.26 17.20
C ILE A 24 2.15 -20.44 16.59
N LEU A 25 2.27 -21.53 17.33
CA LEU A 25 3.00 -22.71 16.86
C LEU A 25 2.39 -23.41 15.65
N GLN A 26 1.14 -23.08 15.36
CA GLN A 26 0.42 -23.65 14.24
C GLN A 26 0.43 -22.74 13.00
N ILE A 27 1.06 -21.58 13.14
CA ILE A 27 1.14 -20.60 12.08
C ILE A 27 2.56 -20.50 11.49
N ASP A 28 2.66 -20.70 10.18
CA ASP A 28 3.94 -20.61 9.48
C ASP A 28 4.50 -19.19 9.66
N ALA A 29 5.65 -19.11 10.33
CA ALA A 29 6.32 -17.84 10.60
C ALA A 29 6.70 -17.06 9.34
N LYS A 30 6.86 -17.76 8.23
CA LYS A 30 7.23 -17.14 6.97
C LYS A 30 6.07 -16.76 6.07
N ASP A 31 4.93 -17.44 6.23
CA ASP A 31 3.77 -17.20 5.37
C ASP A 31 2.46 -17.40 6.13
N ILE A 32 2.03 -16.39 6.88
CA ILE A 32 0.79 -16.51 7.64
C ILE A 32 -0.45 -16.76 6.77
N SER A 33 -0.53 -16.16 5.59
CA SER A 33 -1.69 -16.37 4.74
C SER A 33 -1.80 -17.85 4.37
N LYS A 34 -0.68 -18.48 4.07
CA LYS A 34 -0.64 -19.90 3.73
C LYS A 34 -1.22 -20.73 4.89
N SER A 35 -0.92 -20.31 6.11
CA SER A 35 -1.43 -21.00 7.30
C SER A 35 -2.91 -20.75 7.46
N LEU A 36 -3.32 -19.51 7.23
CA LEU A 36 -4.72 -19.14 7.35
C LEU A 36 -5.59 -19.87 6.33
N THR A 37 -5.01 -20.17 5.17
CA THR A 37 -5.75 -20.88 4.12
C THR A 37 -5.88 -22.36 4.46
N LYS A 38 -4.91 -22.90 5.19
CA LYS A 38 -4.97 -24.30 5.60
C LYS A 38 -6.04 -24.42 6.67
N PHE A 39 -6.04 -23.48 7.62
CA PHE A 39 -7.02 -23.47 8.70
C PHE A 39 -8.44 -23.38 8.14
N SER A 40 -8.61 -22.58 7.09
CA SER A 40 -9.91 -22.39 6.47
C SER A 40 -10.42 -23.66 5.80
N GLU A 41 -9.50 -24.49 5.33
CA GLU A 41 -9.88 -25.75 4.68
C GLU A 41 -10.60 -26.67 5.65
N CYS A 42 -10.34 -26.49 6.94
CA CYS A 42 -10.98 -27.35 7.92
C CYS A 42 -11.83 -26.64 8.98
N TYR A 43 -11.95 -25.33 8.88
CA TYR A 43 -12.76 -24.58 9.84
C TYR A 43 -13.78 -23.69 9.16
N GLY A 44 -13.68 -23.58 7.83
CA GLY A 44 -14.60 -22.75 7.08
C GLY A 44 -14.12 -21.33 6.87
N PRO A 45 -14.90 -20.50 6.15
CA PRO A 45 -14.63 -19.10 5.82
C PRO A 45 -14.48 -18.13 6.99
N VAL A 46 -14.98 -18.52 8.15
CA VAL A 46 -14.92 -17.66 9.34
C VAL A 46 -14.44 -18.47 10.54
N PHE A 47 -13.23 -18.18 11.00
CA PHE A 47 -12.66 -18.87 12.14
C PHE A 47 -11.89 -17.95 13.06
N THR A 48 -11.56 -18.46 14.24
CA THR A 48 -10.83 -17.70 15.24
C THR A 48 -9.45 -18.31 15.51
N VAL A 49 -8.47 -17.45 15.75
CA VAL A 49 -7.11 -17.87 16.07
C VAL A 49 -6.62 -16.97 17.19
N TYR A 50 -5.64 -17.46 17.94
CA TYR A 50 -5.10 -16.72 19.06
C TYR A 50 -3.64 -16.30 18.90
N LEU A 51 -3.43 -15.00 18.74
CA LEU A 51 -2.08 -14.48 18.61
C LEU A 51 -1.78 -14.00 20.02
N GLY A 52 -1.69 -14.97 20.92
CA GLY A 52 -1.46 -14.70 22.32
C GLY A 52 -2.70 -15.10 23.08
N MET A 53 -3.20 -14.21 23.92
CA MET A 53 -4.40 -14.47 24.73
C MET A 53 -5.69 -14.00 24.08
N LYS A 54 -5.60 -12.88 23.35
CA LYS A 54 -6.76 -12.30 22.70
C LYS A 54 -7.14 -13.01 21.40
N PRO A 55 -8.45 -13.26 21.21
CA PRO A 55 -8.94 -13.93 20.00
C PRO A 55 -8.95 -12.99 18.80
N THR A 56 -8.73 -13.56 17.61
CA THR A 56 -8.72 -12.81 16.36
C THR A 56 -9.58 -13.58 15.35
N VAL A 57 -10.64 -12.95 14.89
CA VAL A 57 -11.51 -13.60 13.91
C VAL A 57 -10.92 -13.38 12.50
N VAL A 58 -10.78 -14.47 11.75
CA VAL A 58 -10.24 -14.46 10.40
C VAL A 58 -11.35 -14.70 9.41
N LEU A 59 -11.39 -13.83 8.40
CA LEU A 59 -12.37 -13.91 7.32
C LEU A 59 -11.63 -14.34 6.06
N HIS A 60 -12.04 -15.49 5.53
CA HIS A 60 -11.41 -16.09 4.37
C HIS A 60 -12.44 -16.27 3.25
N GLY A 61 -12.04 -15.92 2.02
CA GLY A 61 -12.94 -16.03 0.90
C GLY A 61 -13.67 -14.73 0.66
N TYR A 62 -13.98 -14.46 -0.60
CA TYR A 62 -14.67 -13.23 -1.01
C TYR A 62 -15.98 -12.98 -0.26
N GLU A 63 -16.82 -13.99 -0.14
CA GLU A 63 -18.11 -13.79 0.53
C GLU A 63 -17.98 -13.29 1.96
N ALA A 64 -17.11 -13.93 2.76
CA ALA A 64 -16.93 -13.52 4.14
C ALA A 64 -16.29 -12.13 4.23
N VAL A 65 -15.25 -11.91 3.44
CA VAL A 65 -14.54 -10.63 3.43
C VAL A 65 -15.45 -9.50 2.98
N LYS A 66 -16.19 -9.73 1.91
CA LYS A 66 -17.09 -8.72 1.39
C LYS A 66 -18.26 -8.46 2.33
N GLU A 67 -18.79 -9.52 2.93
CA GLU A 67 -19.93 -9.39 3.85
C GLU A 67 -19.59 -8.53 5.05
N ALA A 68 -18.36 -8.66 5.54
CA ALA A 68 -17.92 -7.89 6.69
C ALA A 68 -17.48 -6.48 6.36
N LEU A 69 -16.53 -6.36 5.43
CA LEU A 69 -16.00 -5.06 5.06
C LEU A 69 -16.96 -4.12 4.35
N VAL A 70 -17.81 -4.68 3.51
CA VAL A 70 -18.76 -3.88 2.76
C VAL A 70 -20.14 -3.86 3.44
N ASP A 71 -20.83 -4.99 3.41
CA ASP A 71 -22.16 -5.12 3.99
C ASP A 71 -22.28 -4.74 5.46
N LEU A 72 -21.24 -4.98 6.25
CA LEU A 72 -21.25 -4.63 7.67
C LEU A 72 -20.10 -3.66 7.93
N GLY A 73 -19.89 -2.79 6.95
CA GLY A 73 -18.82 -1.81 6.99
C GLY A 73 -18.55 -1.05 8.27
N GLU A 74 -19.60 -0.51 8.89
CA GLU A 74 -19.41 0.25 10.11
C GLU A 74 -18.97 -0.63 11.29
N GLU A 75 -19.50 -1.84 11.35
CA GLU A 75 -19.18 -2.76 12.43
C GLU A 75 -17.70 -3.16 12.37
N PHE A 76 -17.18 -3.30 11.15
CA PHE A 76 -15.79 -3.69 10.94
C PHE A 76 -14.88 -2.52 10.57
N ALA A 77 -15.34 -1.29 10.78
CA ALA A 77 -14.55 -0.11 10.43
C ALA A 77 -13.44 0.23 11.42
N GLY A 78 -13.27 -0.59 12.45
CA GLY A 78 -12.24 -0.31 13.43
C GLY A 78 -10.85 -0.75 13.03
N ARG A 79 -9.85 0.01 13.48
CA ARG A 79 -8.47 -0.33 13.19
C ARG A 79 -8.00 -1.25 14.30
N GLY A 80 -7.63 -2.46 13.91
CA GLY A 80 -7.17 -3.45 14.87
C GLY A 80 -5.80 -3.15 15.46
N SER A 81 -5.37 -4.03 16.35
CA SER A 81 -4.09 -3.92 17.03
C SER A 81 -2.90 -3.73 16.11
N VAL A 82 -2.23 -2.59 16.26
CA VAL A 82 -1.04 -2.25 15.47
C VAL A 82 -0.06 -1.52 16.41
N PRO A 83 0.43 -2.24 17.42
CA PRO A 83 1.37 -1.82 18.47
C PRO A 83 2.60 -1.04 18.05
N ILE A 84 2.98 -0.10 18.92
CA ILE A 84 4.12 0.79 18.73
C ILE A 84 3.76 1.84 17.67
N LEU A 85 3.48 1.36 16.45
CA LEU A 85 3.10 2.22 15.34
C LEU A 85 1.84 3.00 15.67
N GLU A 86 0.88 2.31 16.31
CA GLU A 86 -0.38 2.95 16.70
C GLU A 86 -0.09 3.96 17.79
N LYS A 87 0.84 3.62 18.68
CA LYS A 87 1.29 4.51 19.73
C LYS A 87 2.01 5.73 19.24
N VAL A 88 2.90 5.60 18.26
CA VAL A 88 3.54 6.85 17.75
C VAL A 88 2.50 7.78 17.14
N SER A 89 1.41 7.25 16.64
CA SER A 89 0.29 8.04 16.06
C SER A 89 -0.57 8.74 17.12
N LYS A 90 -0.44 8.24 18.35
CA LYS A 90 -1.13 8.78 19.52
C LYS A 90 -2.65 8.84 19.34
N GLY A 91 -3.20 7.84 18.64
CA GLY A 91 -4.64 7.82 18.40
C GLY A 91 -5.07 8.84 17.37
N LEU A 92 -4.10 9.55 16.79
CA LEU A 92 -4.36 10.58 15.78
C LEU A 92 -3.98 10.05 14.39
N GLY A 93 -4.07 10.91 13.39
CA GLY A 93 -3.71 10.50 12.03
C GLY A 93 -4.87 9.80 11.35
N ILE A 94 -4.55 8.88 10.43
CA ILE A 94 -5.57 8.17 9.67
C ILE A 94 -5.56 6.65 9.81
N ALA A 95 -4.40 6.05 9.53
CA ALA A 95 -4.22 4.62 9.54
C ALA A 95 -4.50 3.89 10.85
N PHE A 96 -4.09 4.49 11.95
CA PHE A 96 -4.26 3.86 13.25
C PHE A 96 -5.21 4.56 14.20
N SER A 97 -5.91 5.57 13.69
CA SER A 97 -6.88 6.28 14.51
C SER A 97 -8.20 5.51 14.44
N ASN A 98 -9.15 5.90 15.28
CA ASN A 98 -10.46 5.27 15.33
C ASN A 98 -11.55 6.30 15.63
N ALA A 99 -12.80 5.87 15.43
CA ALA A 99 -13.98 6.70 15.70
C ALA A 99 -14.00 8.06 15.00
N LYS A 100 -14.41 9.09 15.75
CA LYS A 100 -14.52 10.47 15.27
C LYS A 100 -13.23 11.04 14.70
N THR A 101 -12.12 10.83 15.41
CA THR A 101 -10.81 11.30 14.98
C THR A 101 -10.47 10.72 13.61
N TRP A 102 -10.74 9.43 13.42
CA TRP A 102 -10.48 8.75 12.17
C TRP A 102 -11.37 9.32 11.08
N LYS A 103 -12.68 9.29 11.34
CA LYS A 103 -13.67 9.79 10.39
C LYS A 103 -13.34 11.16 9.83
N GLU A 104 -12.94 12.08 10.71
CA GLU A 104 -12.61 13.43 10.28
C GLU A 104 -11.33 13.52 9.47
N MET A 105 -10.29 12.80 9.89
CA MET A 105 -9.03 12.80 9.17
C MET A 105 -9.19 12.11 7.83
N ARG A 106 -9.94 11.00 7.80
CA ARG A 106 -10.14 10.28 6.55
C ARG A 106 -10.97 11.11 5.57
N ARG A 107 -12.03 11.73 6.06
CA ARG A 107 -12.88 12.56 5.20
C ARG A 107 -12.05 13.70 4.63
N PHE A 108 -11.28 14.37 5.49
CA PHE A 108 -10.45 15.47 5.04
C PHE A 108 -9.43 15.03 3.98
N SER A 109 -8.80 13.88 4.21
CA SER A 109 -7.81 13.34 3.30
C SER A 109 -8.37 12.92 1.96
N LEU A 110 -9.57 12.35 1.95
CA LEU A 110 -10.20 11.93 0.71
C LEU A 110 -10.57 13.13 -0.14
N MET A 111 -11.07 14.17 0.51
CA MET A 111 -11.47 15.39 -0.17
C MET A 111 -10.25 16.17 -0.67
N THR A 112 -9.19 16.12 0.10
CA THR A 112 -7.97 16.83 -0.26
C THR A 112 -7.16 16.13 -1.33
N LEU A 113 -7.15 14.79 -1.28
CA LEU A 113 -6.40 13.98 -2.23
C LEU A 113 -7.08 13.64 -3.54
N ARG A 114 -8.06 14.45 -3.94
CA ARG A 114 -8.72 14.25 -5.23
C ARG A 114 -7.72 14.78 -6.26
N ASN A 115 -7.83 14.35 -7.50
CA ASN A 115 -6.91 14.79 -8.54
C ASN A 115 -6.72 16.31 -8.56
N PHE A 116 -7.81 17.06 -8.45
CA PHE A 116 -7.75 18.52 -8.42
C PHE A 116 -8.11 19.12 -7.06
N GLY A 117 -7.88 18.34 -6.00
CA GLY A 117 -8.20 18.80 -4.65
C GLY A 117 -7.31 19.87 -4.05
N MET A 118 -6.18 20.15 -4.69
CA MET A 118 -5.25 21.15 -4.15
C MET A 118 -4.79 22.22 -5.17
N GLY A 119 -5.76 22.86 -5.83
CA GLY A 119 -5.41 23.90 -6.80
C GLY A 119 -5.32 23.46 -8.25
N LYS A 120 -4.87 24.37 -9.11
CA LYS A 120 -4.75 24.13 -10.54
C LYS A 120 -3.81 23.01 -10.96
N ARG A 121 -2.75 22.80 -10.18
CA ARG A 121 -1.79 21.74 -10.49
C ARG A 121 -2.37 20.43 -9.93
N SER A 122 -2.88 19.58 -10.82
CA SER A 122 -3.46 18.33 -10.40
C SER A 122 -2.42 17.34 -9.87
N ILE A 123 -2.91 16.30 -9.20
CA ILE A 123 -2.06 15.26 -8.69
C ILE A 123 -1.44 14.58 -9.92
N GLU A 124 -2.22 14.47 -10.99
CA GLU A 124 -1.73 13.87 -12.23
C GLU A 124 -0.52 14.65 -12.75
N ASP A 125 -0.60 15.98 -12.76
CA ASP A 125 0.50 16.82 -13.24
C ASP A 125 1.75 16.56 -12.41
N ARG A 126 1.57 16.41 -11.11
CA ARG A 126 2.69 16.17 -10.20
C ARG A 126 3.35 14.84 -10.47
N ILE A 127 2.54 13.83 -10.74
CA ILE A 127 3.04 12.51 -11.04
C ILE A 127 3.73 12.53 -12.42
N GLN A 128 3.18 13.30 -13.36
CA GLN A 128 3.81 13.40 -14.68
C GLN A 128 5.20 14.01 -14.58
N GLU A 129 5.35 15.06 -13.77
CA GLU A 129 6.65 15.68 -13.61
C GLU A 129 7.64 14.65 -13.05
N GLU A 130 7.18 13.88 -12.07
CA GLU A 130 8.03 12.86 -11.45
C GLU A 130 8.36 11.72 -12.41
N ALA A 131 7.42 11.40 -13.30
CA ALA A 131 7.62 10.33 -14.28
C ALA A 131 8.77 10.72 -15.20
N ARG A 132 8.88 12.02 -15.49
CA ARG A 132 9.96 12.52 -16.33
C ARG A 132 11.28 12.44 -15.57
N CYS A 133 11.26 12.81 -14.29
CA CYS A 133 12.46 12.74 -13.47
C CYS A 133 12.93 11.29 -13.31
N LEU A 134 11.97 10.37 -13.20
CA LEU A 134 12.30 8.96 -13.09
C LEU A 134 12.98 8.46 -14.37
N VAL A 135 12.44 8.83 -15.52
CA VAL A 135 13.02 8.43 -16.80
C VAL A 135 14.42 9.00 -16.92
N GLU A 136 14.60 10.24 -16.48
CA GLU A 136 15.90 10.88 -16.55
C GLU A 136 16.94 10.15 -15.69
N GLU A 137 16.60 9.85 -14.44
CA GLU A 137 17.59 9.17 -13.61
C GLU A 137 17.86 7.73 -14.11
N LEU A 138 16.88 7.12 -14.77
CA LEU A 138 17.10 5.79 -15.33
C LEU A 138 18.06 5.90 -16.53
N ARG A 139 18.05 7.05 -17.20
CA ARG A 139 18.96 7.26 -18.33
C ARG A 139 20.38 7.39 -17.76
N LYS A 140 20.49 7.96 -16.57
CA LYS A 140 21.79 8.12 -15.93
C LYS A 140 22.44 6.79 -15.54
N THR A 141 21.68 5.69 -15.55
CA THR A 141 22.29 4.40 -15.22
C THR A 141 23.10 3.94 -16.40
N ASN A 142 22.94 4.64 -17.53
CA ASN A 142 23.65 4.37 -18.78
C ASN A 142 23.60 2.94 -19.25
N ALA A 143 22.41 2.36 -19.21
CA ALA A 143 22.17 0.99 -19.65
C ALA A 143 23.07 -0.07 -19.00
N SER A 144 23.57 0.23 -17.81
CA SER A 144 24.39 -0.73 -17.07
C SER A 144 23.53 -1.43 -16.03
N PRO A 145 23.94 -2.63 -15.58
CA PRO A 145 23.20 -3.40 -14.58
C PRO A 145 22.98 -2.57 -13.34
N CYS A 146 21.74 -2.56 -12.85
CA CYS A 146 21.44 -1.81 -11.65
C CYS A 146 20.28 -2.40 -10.90
N ASP A 147 20.28 -2.16 -9.60
CA ASP A 147 19.23 -2.60 -8.71
C ASP A 147 18.32 -1.38 -8.70
N PRO A 148 17.08 -1.52 -9.20
CA PRO A 148 16.12 -0.42 -9.26
C PRO A 148 15.43 -0.05 -7.94
N THR A 149 15.74 -0.79 -6.87
CA THR A 149 15.12 -0.54 -5.57
C THR A 149 15.13 0.91 -5.12
N PHE A 150 16.30 1.54 -5.17
CA PHE A 150 16.45 2.93 -4.75
C PHE A 150 15.62 3.94 -5.57
N ILE A 151 15.81 3.98 -6.89
CA ILE A 151 15.09 4.94 -7.71
C ILE A 151 13.57 4.73 -7.69
N LEU A 152 13.15 3.46 -7.64
CA LEU A 152 11.74 3.14 -7.59
C LEU A 152 11.13 3.53 -6.25
N GLY A 153 11.98 3.76 -5.25
CA GLY A 153 11.49 4.17 -3.96
C GLY A 153 11.38 5.70 -3.91
N CYS A 154 12.32 6.36 -4.60
CA CYS A 154 12.36 7.81 -4.69
C CYS A 154 11.14 8.44 -5.38
N ALA A 155 10.76 7.90 -6.53
CA ALA A 155 9.63 8.43 -7.30
C ALA A 155 8.32 8.52 -6.49
N PRO A 156 7.86 7.40 -5.89
CA PRO A 156 6.62 7.38 -5.09
C PRO A 156 6.74 8.32 -3.89
N CYS A 157 7.90 8.30 -3.24
CA CYS A 157 8.12 9.18 -2.11
C CYS A 157 8.04 10.64 -2.56
N ASN A 158 8.63 10.94 -3.72
CA ASN A 158 8.60 12.32 -4.24
C ASN A 158 7.18 12.72 -4.61
N VAL A 159 6.37 11.77 -5.08
CA VAL A 159 4.99 12.08 -5.44
C VAL A 159 4.24 12.55 -4.20
N ILE A 160 4.43 11.85 -3.08
CA ILE A 160 3.78 12.25 -1.86
C ILE A 160 4.31 13.60 -1.38
N CYS A 161 5.61 13.85 -1.56
CA CYS A 161 6.21 15.12 -1.18
C CYS A 161 5.55 16.23 -2.00
N SER A 162 5.33 15.95 -3.28
CA SER A 162 4.71 16.89 -4.19
C SER A 162 3.28 17.24 -3.78
N VAL A 163 2.51 16.25 -3.34
CA VAL A 163 1.14 16.52 -2.94
C VAL A 163 1.01 17.09 -1.53
N ILE A 164 2.02 16.86 -0.68
CA ILE A 164 1.99 17.38 0.69
C ILE A 164 2.68 18.72 0.84
N PHE A 165 3.88 18.84 0.28
CA PHE A 165 4.73 20.04 0.36
C PHE A 165 4.78 20.90 -0.91
N HIS A 166 4.27 20.37 -2.02
CA HIS A 166 4.33 21.07 -3.30
C HIS A 166 5.80 21.26 -3.66
N ASN A 167 6.58 20.22 -3.40
CA ASN A 167 8.01 20.26 -3.68
C ASN A 167 8.49 18.83 -3.86
N ARG A 168 9.46 18.64 -4.74
CA ARG A 168 10.04 17.32 -4.95
C ARG A 168 11.53 17.49 -4.74
N PHE A 169 12.22 16.40 -4.43
CA PHE A 169 13.64 16.47 -4.18
C PHE A 169 14.48 15.67 -5.16
N ASP A 170 15.71 16.13 -5.36
CA ASP A 170 16.64 15.44 -6.25
C ASP A 170 16.93 14.08 -5.62
N TYR A 171 17.17 13.07 -6.47
CA TYR A 171 17.44 11.73 -5.99
C TYR A 171 18.78 11.62 -5.25
N LYS A 172 19.51 12.73 -5.14
CA LYS A 172 20.78 12.74 -4.40
C LYS A 172 20.69 13.64 -3.17
N ASP A 173 19.50 14.18 -2.93
CA ASP A 173 19.23 15.06 -1.79
C ASP A 173 19.42 14.31 -0.47
N GLU A 174 20.30 14.85 0.37
CA GLU A 174 20.63 14.28 1.68
C GLU A 174 19.44 14.04 2.60
N GLU A 175 18.67 15.10 2.85
CA GLU A 175 17.50 15.02 3.73
C GLU A 175 16.46 14.04 3.16
N PHE A 176 16.28 14.07 1.83
CA PHE A 176 15.32 13.21 1.14
C PHE A 176 15.72 11.74 1.24
N LEU A 177 17.00 11.46 1.00
CA LEU A 177 17.47 10.09 1.09
C LEU A 177 17.28 9.68 2.53
N LYS A 178 17.65 10.59 3.43
CA LYS A 178 17.51 10.40 4.87
C LYS A 178 16.04 10.09 5.18
N LEU A 179 15.12 10.88 4.62
CA LEU A 179 13.69 10.67 4.83
C LEU A 179 13.30 9.26 4.43
N MET A 180 13.74 8.87 3.23
CA MET A 180 13.46 7.52 2.74
C MET A 180 14.21 6.48 3.58
N GLU A 181 15.40 6.83 4.05
CA GLU A 181 16.19 5.91 4.89
C GLU A 181 15.54 5.82 6.26
N SER A 182 14.92 6.92 6.70
CA SER A 182 14.25 6.96 8.00
C SER A 182 12.90 6.29 7.88
N LEU A 183 12.25 6.43 6.74
CA LEU A 183 10.95 5.80 6.49
C LEU A 183 11.17 4.31 6.39
N HIS A 184 12.11 3.91 5.52
CA HIS A 184 12.41 2.49 5.28
C HIS A 184 12.81 1.72 6.53
N GLU A 185 13.83 2.24 7.22
CA GLU A 185 14.34 1.67 8.46
C GLU A 185 13.20 1.45 9.45
N ASN A 186 12.40 2.50 9.65
CA ASN A 186 11.26 2.44 10.56
C ASN A 186 10.22 1.38 10.16
N VAL A 187 9.92 1.24 8.87
CA VAL A 187 8.94 0.23 8.47
C VAL A 187 9.56 -1.16 8.55
N GLU A 188 10.87 -1.25 8.37
CA GLU A 188 11.54 -2.55 8.45
C GLU A 188 11.51 -3.03 9.91
N LEU A 189 12.02 -2.22 10.82
CA LEU A 189 12.06 -2.53 12.26
C LEU A 189 10.67 -2.95 12.73
N LEU A 190 9.68 -2.11 12.43
CA LEU A 190 8.31 -2.37 12.79
C LEU A 190 7.62 -3.13 11.66
N GLY A 191 8.16 -4.30 11.37
CA GLY A 191 7.60 -5.13 10.32
C GLY A 191 7.29 -6.50 10.86
N THR A 192 6.05 -6.94 10.64
CA THR A 192 5.55 -8.24 11.06
C THR A 192 4.08 -8.34 10.63
N PRO A 193 3.67 -9.50 10.10
CA PRO A 193 2.27 -9.67 9.66
C PRO A 193 1.27 -9.65 10.81
N TRP A 194 1.58 -10.42 11.86
CA TRP A 194 0.72 -10.52 13.04
C TRP A 194 0.30 -9.16 13.56
N LEU A 195 1.30 -8.31 13.82
CA LEU A 195 1.07 -6.96 14.30
C LEU A 195 0.48 -6.95 15.70
N GLN A 196 -0.57 -7.75 15.91
CA GLN A 196 -1.24 -7.85 17.22
C GLN A 196 -0.26 -8.22 18.33
N VAL A 197 0.90 -8.80 17.97
CA VAL A 197 1.89 -9.25 18.94
C VAL A 197 2.47 -8.23 19.92
N TYR A 198 2.94 -7.07 19.43
CA TYR A 198 3.52 -6.07 20.34
C TYR A 198 2.53 -5.52 21.39
N ASN A 199 1.26 -5.94 21.29
CA ASN A 199 0.20 -5.56 22.21
C ASN A 199 -0.05 -6.79 23.10
N ASN A 200 0.96 -7.67 23.17
CA ASN A 200 0.85 -8.90 23.94
C ASN A 200 1.95 -9.24 24.94
N PHE A 201 3.16 -9.54 24.47
CA PHE A 201 4.28 -9.93 25.34
C PHE A 201 5.40 -8.91 25.57
N PRO A 202 5.26 -8.06 26.62
CA PRO A 202 6.21 -7.01 26.99
C PRO A 202 7.66 -7.47 27.25
N ALA A 203 7.84 -8.73 27.61
CA ALA A 203 9.18 -9.27 27.86
C ALA A 203 10.00 -9.33 26.57
N LEU A 204 9.32 -9.49 25.44
CA LEU A 204 9.99 -9.54 24.14
C LEU A 204 10.58 -8.19 23.76
N LEU A 205 9.94 -7.11 24.19
CA LEU A 205 10.42 -5.76 23.90
C LEU A 205 11.84 -5.56 24.43
N ASP A 206 12.06 -6.08 25.64
CA ASP A 206 13.35 -5.96 26.32
C ASP A 206 14.40 -6.94 25.78
N TYR A 207 13.92 -8.07 25.23
CA TYR A 207 14.82 -9.07 24.66
C TYR A 207 15.32 -8.59 23.29
N PHE A 208 14.49 -7.80 22.63
CA PHE A 208 14.82 -7.25 21.32
C PHE A 208 14.35 -5.79 21.25
N PRO A 209 15.03 -4.91 22.01
CA PRO A 209 14.69 -3.47 22.05
C PRO A 209 15.10 -2.75 20.77
N GLY A 210 15.96 -3.40 19.99
CA GLY A 210 16.44 -2.84 18.75
C GLY A 210 15.33 -2.40 17.81
N ILE A 211 14.37 -3.28 17.57
CA ILE A 211 13.27 -2.95 16.67
C ILE A 211 12.46 -1.75 17.15
N HIS A 212 12.28 -1.66 18.46
CA HIS A 212 11.50 -0.60 19.10
C HIS A 212 12.23 0.72 19.43
N LYS A 213 13.56 0.71 19.44
CA LYS A 213 14.31 1.91 19.82
C LYS A 213 14.54 3.06 18.84
N THR A 214 15.05 2.74 17.66
CA THR A 214 15.37 3.75 16.66
C THR A 214 14.14 4.46 16.09
N LEU A 215 12.97 3.86 16.33
CA LEU A 215 11.71 4.41 15.85
C LEU A 215 11.50 5.80 16.39
N LEU A 216 11.73 5.98 17.68
CA LEU A 216 11.57 7.30 18.27
C LEU A 216 12.54 8.28 17.59
N LYS A 217 13.74 7.80 17.26
CA LYS A 217 14.75 8.64 16.61
C LYS A 217 14.43 8.95 15.14
N ASN A 218 14.04 7.94 14.37
CA ASN A 218 13.74 8.18 12.96
C ASN A 218 12.30 8.61 12.70
N ALA A 219 11.33 7.97 13.36
CA ALA A 219 9.92 8.35 13.18
C ALA A 219 9.82 9.81 13.61
N ASP A 220 10.77 10.25 14.43
CA ASP A 220 10.82 11.63 14.87
C ASP A 220 11.49 12.43 13.76
N TYR A 221 12.42 11.81 13.04
CA TYR A 221 13.08 12.49 11.92
C TYR A 221 12.01 12.78 10.87
N ILE A 222 11.11 11.82 10.68
CA ILE A 222 9.99 11.93 9.74
C ILE A 222 9.11 13.09 10.21
N LYS A 223 8.63 12.98 11.46
CA LYS A 223 7.80 14.02 12.07
C LYS A 223 8.50 15.38 12.07
N ASN A 224 9.83 15.37 12.19
CA ASN A 224 10.61 16.61 12.21
C ASN A 224 10.79 17.17 10.80
N PHE A 225 10.95 16.29 9.82
CA PHE A 225 11.12 16.68 8.42
C PHE A 225 9.84 17.40 7.98
N ILE A 226 8.70 16.84 8.36
CA ILE A 226 7.38 17.36 8.04
C ILE A 226 7.06 18.68 8.76
N MET A 227 7.21 18.68 10.08
CA MET A 227 6.93 19.86 10.90
C MET A 227 7.67 21.08 10.39
N GLU A 228 8.91 20.87 9.97
CA GLU A 228 9.76 21.94 9.45
C GLU A 228 9.11 22.59 8.22
N LYS A 229 8.56 21.77 7.33
CA LYS A 229 7.90 22.29 6.12
C LYS A 229 6.61 23.00 6.46
N VAL A 230 5.89 22.48 7.46
CA VAL A 230 4.63 23.05 7.92
C VAL A 230 4.85 24.50 8.34
N LYS A 231 5.93 24.73 9.08
CA LYS A 231 6.27 26.06 9.55
C LYS A 231 6.52 26.99 8.37
N GLU A 232 7.10 26.46 7.31
CA GLU A 232 7.39 27.23 6.10
C GLU A 232 6.09 27.59 5.36
N HIS A 233 5.15 26.66 5.37
CA HIS A 233 3.86 26.86 4.71
C HIS A 233 2.97 27.89 5.38
N GLN A 234 3.09 28.02 6.70
CA GLN A 234 2.27 28.99 7.44
C GLN A 234 2.58 30.43 7.05
N LYS A 235 3.83 30.69 6.66
CA LYS A 235 4.26 32.04 6.26
C LYS A 235 3.87 32.39 4.83
N LEU A 236 3.60 31.37 4.02
CA LEU A 236 3.23 31.59 2.63
C LEU A 236 1.78 31.20 2.31
N LEU A 237 1.01 30.89 3.35
CA LEU A 237 -0.38 30.49 3.16
C LEU A 237 -1.26 31.52 2.46
N ASP A 238 -1.99 31.04 1.46
CA ASP A 238 -2.92 31.84 0.68
C ASP A 238 -4.25 31.10 0.82
N VAL A 239 -5.13 31.62 1.70
CA VAL A 239 -6.43 30.99 1.94
C VAL A 239 -7.31 30.79 0.72
N ASN A 240 -7.14 31.65 -0.29
CA ASN A 240 -7.95 31.51 -1.50
C ASN A 240 -7.33 30.53 -2.48
N ASN A 241 -6.06 30.21 -2.29
CA ASN A 241 -5.40 29.27 -3.19
C ASN A 241 -4.49 28.23 -2.53
N PRO A 242 -5.06 27.24 -1.83
CA PRO A 242 -4.23 26.20 -1.21
C PRO A 242 -3.63 25.36 -2.34
N ARG A 243 -2.33 25.05 -2.26
CA ARG A 243 -1.65 24.31 -3.32
C ARG A 243 -1.15 22.90 -2.98
N ASP A 244 -1.43 22.44 -1.76
CA ASP A 244 -1.02 21.12 -1.31
C ASP A 244 -1.80 20.71 -0.07
N PHE A 245 -1.53 19.51 0.41
CA PHE A 245 -2.19 18.96 1.58
C PHE A 245 -2.03 19.84 2.82
N ILE A 246 -0.82 20.36 3.04
CA ILE A 246 -0.57 21.20 4.20
C ILE A 246 -1.42 22.47 4.22
N ASP A 247 -1.42 23.21 3.11
CA ASP A 247 -2.22 24.44 2.98
C ASP A 247 -3.67 24.16 3.30
N CYS A 248 -4.23 23.11 2.70
CA CYS A 248 -5.62 22.77 2.90
C CYS A 248 -5.91 22.51 4.37
N PHE A 249 -4.96 21.87 5.04
CA PHE A 249 -5.10 21.55 6.44
C PHE A 249 -4.97 22.85 7.25
N LEU A 250 -3.99 23.67 6.93
CA LEU A 250 -3.79 24.94 7.60
C LEU A 250 -5.04 25.82 7.53
N ILE A 251 -5.71 25.78 6.38
CA ILE A 251 -6.92 26.58 6.17
C ILE A 251 -8.04 26.01 7.04
N LYS A 252 -8.16 24.68 7.05
CA LYS A 252 -9.15 23.98 7.85
C LYS A 252 -8.99 24.35 9.34
N MET A 253 -7.76 24.68 9.74
CA MET A 253 -7.44 25.06 11.12
C MET A 253 -7.79 26.52 11.40
N GLU A 254 -7.41 27.39 10.48
CA GLU A 254 -7.64 28.84 10.58
C GLU A 254 -9.10 29.20 10.84
N GLN A 255 -9.98 28.80 9.92
CA GLN A 255 -11.41 29.06 10.06
C GLN A 255 -11.93 28.11 11.13
N GLU A 256 -12.01 26.83 10.79
CA GLU A 256 -12.41 25.75 11.68
C GLU A 256 -13.60 25.83 12.65
N ASN A 257 -13.53 24.88 13.58
CA ASN A 257 -14.42 24.60 14.70
C ASN A 257 -13.88 23.24 15.17
N ASN A 258 -13.06 22.63 14.30
CA ASN A 258 -12.44 21.32 14.52
C ASN A 258 -11.25 21.31 15.46
N LEU A 259 -11.42 20.63 16.59
CA LEU A 259 -10.34 20.50 17.58
C LEU A 259 -9.44 19.33 17.18
N GLU A 260 -9.88 18.57 16.17
CA GLU A 260 -9.12 17.42 15.67
C GLU A 260 -7.99 17.87 14.75
N PHE A 261 -8.01 19.14 14.39
CA PHE A 261 -6.99 19.69 13.50
C PHE A 261 -5.97 20.57 14.18
N THR A 262 -4.81 19.98 14.46
CA THR A 262 -3.73 20.71 15.11
C THR A 262 -2.48 20.47 14.30
N LEU A 263 -1.40 21.16 14.64
CA LEU A 263 -0.14 20.98 13.93
C LEU A 263 0.39 19.58 14.25
N GLU A 264 0.05 19.08 15.44
CA GLU A 264 0.47 17.76 15.85
C GLU A 264 -0.24 16.70 15.03
N SER A 265 -1.54 16.88 14.82
CA SER A 265 -2.33 15.93 14.05
C SER A 265 -1.99 15.99 12.56
N LEU A 266 -1.55 17.16 12.10
CA LEU A 266 -1.17 17.34 10.71
C LEU A 266 0.09 16.51 10.45
N VAL A 267 1.07 16.63 11.34
CA VAL A 267 2.32 15.90 11.20
C VAL A 267 2.10 14.39 11.17
N ILE A 268 1.25 13.90 12.08
CA ILE A 268 0.96 12.47 12.14
C ILE A 268 0.19 12.00 10.91
N ALA A 269 -0.79 12.79 10.46
CA ALA A 269 -1.58 12.43 9.28
C ALA A 269 -0.64 12.34 8.07
N VAL A 270 0.30 13.29 7.97
CA VAL A 270 1.26 13.31 6.87
C VAL A 270 2.21 12.12 6.99
N SER A 271 2.58 11.76 8.22
CA SER A 271 3.46 10.62 8.44
C SER A 271 2.80 9.35 7.91
N ASP A 272 1.51 9.21 8.18
CA ASP A 272 0.74 8.06 7.75
C ASP A 272 0.68 7.91 6.24
N LEU A 273 0.38 9.01 5.54
CA LEU A 273 0.30 8.99 4.07
C LEU A 273 1.65 8.59 3.50
N PHE A 274 2.72 9.17 4.02
CA PHE A 274 4.07 8.83 3.57
C PHE A 274 4.34 7.35 3.86
N GLY A 275 3.98 6.92 5.08
CA GLY A 275 4.18 5.54 5.49
C GLY A 275 3.37 4.54 4.69
N ALA A 276 2.12 4.88 4.41
CA ALA A 276 1.25 4.00 3.66
C ALA A 276 1.46 4.03 2.14
N GLY A 277 1.89 5.18 1.61
CA GLY A 277 2.04 5.29 0.17
C GLY A 277 3.41 5.17 -0.48
N THR A 278 4.46 5.19 0.33
CA THR A 278 5.80 5.11 -0.21
C THR A 278 6.25 3.68 -0.50
N GLU A 279 6.28 2.85 0.54
CA GLU A 279 6.74 1.47 0.43
C GLU A 279 5.85 0.57 -0.43
N THR A 280 4.54 0.76 -0.32
CA THR A 280 3.59 -0.04 -1.11
C THR A 280 3.73 0.17 -2.62
N THR A 281 3.75 1.44 -3.02
CA THR A 281 3.87 1.80 -4.42
C THR A 281 5.26 1.44 -4.94
N SER A 282 6.28 1.69 -4.13
CA SER A 282 7.66 1.36 -4.47
C SER A 282 7.82 -0.14 -4.70
N THR A 283 7.29 -0.93 -3.78
CA THR A 283 7.37 -2.39 -3.88
C THR A 283 6.59 -2.89 -5.08
N THR A 284 5.42 -2.30 -5.33
CA THR A 284 4.61 -2.71 -6.46
C THR A 284 5.32 -2.41 -7.78
N LEU A 285 5.93 -1.24 -7.86
CA LEU A 285 6.68 -0.83 -9.05
C LEU A 285 7.87 -1.76 -9.26
N ARG A 286 8.60 -2.07 -8.18
CA ARG A 286 9.77 -2.95 -8.27
C ARG A 286 9.34 -4.35 -8.71
N TYR A 287 8.21 -4.81 -8.17
CA TYR A 287 7.69 -6.12 -8.54
C TYR A 287 7.20 -6.07 -10.01
N SER A 288 6.65 -4.94 -10.44
CA SER A 288 6.17 -4.81 -11.83
C SER A 288 7.28 -5.06 -12.86
N LEU A 289 8.42 -4.42 -12.64
CA LEU A 289 9.56 -4.58 -13.54
C LEU A 289 10.05 -6.01 -13.57
N LEU A 290 10.04 -6.67 -12.40
CA LEU A 290 10.47 -8.05 -12.31
C LEU A 290 9.56 -8.95 -13.13
N LEU A 291 8.26 -8.74 -13.03
CA LEU A 291 7.30 -9.55 -13.77
C LEU A 291 7.40 -9.31 -15.26
N LEU A 292 7.76 -8.09 -15.66
CA LEU A 292 7.93 -7.76 -17.06
C LEU A 292 9.19 -8.47 -17.58
N LEU A 293 10.21 -8.60 -16.73
CA LEU A 293 11.44 -9.31 -17.10
C LEU A 293 11.15 -10.80 -17.20
N LYS A 294 10.29 -11.28 -16.30
CA LYS A 294 9.92 -12.68 -16.27
C LYS A 294 9.04 -13.06 -17.46
N HIS A 295 8.19 -12.12 -17.91
CA HIS A 295 7.29 -12.36 -19.03
C HIS A 295 7.47 -11.22 -20.01
N PRO A 296 8.55 -11.26 -20.82
CA PRO A 296 8.86 -10.21 -21.80
C PRO A 296 7.80 -9.99 -22.89
N GLU A 297 6.99 -11.01 -23.16
CA GLU A 297 5.95 -10.86 -24.19
C GLU A 297 4.92 -9.87 -23.68
N VAL A 298 4.79 -9.81 -22.35
CA VAL A 298 3.85 -8.90 -21.71
C VAL A 298 4.36 -7.47 -21.88
N ALA A 299 5.65 -7.29 -21.63
CA ALA A 299 6.29 -5.98 -21.76
C ALA A 299 6.20 -5.49 -23.21
N ALA A 300 6.38 -6.41 -24.15
CA ALA A 300 6.34 -6.11 -25.58
C ALA A 300 4.94 -5.68 -26.01
N ARG A 301 3.92 -6.38 -25.51
CA ARG A 301 2.54 -6.05 -25.84
C ARG A 301 2.11 -4.72 -25.25
N VAL A 302 2.64 -4.39 -24.06
CA VAL A 302 2.34 -3.11 -23.45
C VAL A 302 2.98 -2.03 -24.30
N GLN A 303 4.21 -2.25 -24.73
CA GLN A 303 4.91 -1.27 -25.57
C GLN A 303 4.20 -1.05 -26.91
N GLU A 304 3.63 -2.10 -27.46
CA GLU A 304 2.90 -2.01 -28.72
C GLU A 304 1.71 -1.07 -28.50
N GLU A 305 1.05 -1.21 -27.36
CA GLU A 305 -0.11 -0.38 -27.03
C GLU A 305 0.31 1.06 -26.74
N ILE A 306 1.46 1.24 -26.13
CA ILE A 306 1.97 2.56 -25.81
C ILE A 306 2.25 3.33 -27.11
N GLU A 307 2.91 2.65 -28.05
CA GLU A 307 3.26 3.28 -29.32
C GLU A 307 2.05 3.63 -30.16
N ARG A 308 1.08 2.73 -30.21
CA ARG A 308 -0.13 2.93 -30.99
C ARG A 308 -1.08 3.99 -30.39
N VAL A 309 -1.21 4.01 -29.07
CA VAL A 309 -2.11 4.95 -28.39
C VAL A 309 -1.48 6.27 -27.97
N ILE A 310 -0.28 6.19 -27.40
CA ILE A 310 0.44 7.36 -26.92
C ILE A 310 1.49 7.84 -27.91
N GLY A 311 2.18 6.89 -28.52
CA GLY A 311 3.22 7.25 -29.47
C GLY A 311 4.57 7.43 -28.82
N ARG A 312 5.51 7.97 -29.57
CA ARG A 312 6.86 8.17 -29.07
C ARG A 312 7.14 9.61 -28.66
N HIS A 313 6.30 10.55 -29.11
CA HIS A 313 6.54 11.96 -28.86
C HIS A 313 5.80 12.75 -27.78
N ARG A 314 5.27 12.07 -26.76
CA ARG A 314 4.57 12.76 -25.68
C ARG A 314 4.44 11.89 -24.44
N SER A 315 4.38 12.55 -23.29
CA SER A 315 4.25 11.88 -22.01
C SER A 315 2.90 11.23 -21.88
N PRO A 316 2.85 10.05 -21.24
CA PRO A 316 1.55 9.38 -21.08
C PRO A 316 0.68 10.23 -20.15
N CYS A 317 -0.63 10.12 -20.28
CA CYS A 317 -1.52 10.89 -19.42
C CYS A 317 -2.65 9.97 -19.00
N MET A 318 -3.36 10.31 -17.92
CA MET A 318 -4.43 9.45 -17.43
C MET A 318 -5.53 9.14 -18.44
N GLN A 319 -5.76 10.06 -19.39
CA GLN A 319 -6.76 9.86 -20.44
C GLN A 319 -6.43 8.64 -21.31
N ASP A 320 -5.14 8.30 -21.37
CA ASP A 320 -4.69 7.16 -22.15
C ASP A 320 -5.11 5.82 -21.60
N ARG A 321 -5.32 5.74 -20.29
CA ARG A 321 -5.69 4.48 -19.65
C ARG A 321 -6.93 3.82 -20.19
N SER A 322 -8.00 4.59 -20.37
CA SER A 322 -9.25 4.04 -20.89
C SER A 322 -9.06 3.45 -22.30
N ARG A 323 -8.10 4.01 -23.04
CA ARG A 323 -7.80 3.56 -24.39
C ARG A 323 -6.72 2.48 -24.45
N MET A 324 -6.26 2.03 -23.28
CA MET A 324 -5.21 1.01 -23.21
C MET A 324 -5.62 -0.16 -22.33
N PRO A 325 -6.63 -0.94 -22.77
CA PRO A 325 -7.09 -2.10 -22.00
C PRO A 325 -6.03 -3.14 -21.64
N TYR A 326 -5.08 -3.37 -22.53
CA TYR A 326 -4.05 -4.38 -22.24
C TYR A 326 -3.14 -3.94 -21.08
N THR A 327 -2.65 -2.71 -21.14
CA THR A 327 -1.78 -2.15 -20.11
C THR A 327 -2.54 -2.12 -18.78
N ASP A 328 -3.82 -1.74 -18.82
CA ASP A 328 -4.65 -1.70 -17.61
C ASP A 328 -4.81 -3.13 -17.04
N ALA A 329 -5.02 -4.11 -17.92
CA ALA A 329 -5.14 -5.49 -17.49
C ALA A 329 -3.81 -5.97 -16.85
N VAL A 330 -2.69 -5.50 -17.39
CA VAL A 330 -1.37 -5.87 -16.87
C VAL A 330 -1.16 -5.28 -15.47
N ILE A 331 -1.49 -4.00 -15.30
CA ILE A 331 -1.33 -3.35 -14.00
C ILE A 331 -2.23 -4.06 -12.97
N HIS A 332 -3.47 -4.36 -13.36
CA HIS A 332 -4.39 -5.07 -12.49
C HIS A 332 -3.83 -6.44 -12.14
N GLU A 333 -3.30 -7.13 -13.15
CA GLU A 333 -2.76 -8.46 -12.95
C GLU A 333 -1.53 -8.48 -12.03
N ILE A 334 -0.69 -7.43 -12.09
CA ILE A 334 0.49 -7.34 -11.24
C ILE A 334 0.04 -7.23 -9.77
N GLN A 335 -0.92 -6.34 -9.51
CA GLN A 335 -1.40 -6.13 -8.16
C GLN A 335 -2.11 -7.34 -7.58
N ARG A 336 -2.84 -8.04 -8.43
CA ARG A 336 -3.58 -9.21 -8.01
C ARG A 336 -2.62 -10.36 -7.74
N PHE A 337 -1.68 -10.54 -8.66
CA PHE A 337 -0.69 -11.60 -8.57
C PHE A 337 0.27 -11.44 -7.39
N ILE A 338 0.83 -10.24 -7.22
CA ILE A 338 1.78 -10.03 -6.13
C ILE A 338 1.15 -10.04 -4.75
N ASP A 339 -0.14 -9.66 -4.65
CA ASP A 339 -0.86 -9.71 -3.36
C ASP A 339 0.00 -9.05 -2.26
N LEU A 340 0.28 -7.77 -2.47
CA LEU A 340 1.13 -6.95 -1.63
C LEU A 340 0.92 -7.09 -0.13
N LEU A 341 -0.32 -6.99 0.31
CA LEU A 341 -0.67 -7.11 1.72
C LEU A 341 -1.59 -8.33 1.85
N PRO A 342 -0.99 -9.54 1.94
CA PRO A 342 -1.73 -10.81 2.04
C PRO A 342 -2.86 -10.81 3.05
N THR A 343 -2.62 -10.19 4.20
CA THR A 343 -3.65 -10.14 5.22
C THR A 343 -4.15 -8.73 5.51
N ASN A 344 -4.12 -7.86 4.49
CA ASN A 344 -4.65 -6.50 4.63
C ASN A 344 -3.92 -5.84 5.80
N LEU A 345 -4.59 -4.85 6.38
CA LEU A 345 -4.12 -4.18 7.57
C LEU A 345 -5.17 -4.64 8.60
N PRO A 346 -4.75 -4.91 9.85
CA PRO A 346 -5.66 -5.36 10.91
C PRO A 346 -6.89 -4.50 11.18
N HIS A 347 -8.05 -5.15 11.23
CA HIS A 347 -9.30 -4.48 11.53
C HIS A 347 -9.75 -4.91 12.93
N ALA A 348 -10.84 -4.31 13.41
CA ALA A 348 -11.43 -4.61 14.71
C ALA A 348 -12.88 -4.16 14.68
N VAL A 349 -13.77 -4.90 15.33
CA VAL A 349 -15.17 -4.50 15.34
C VAL A 349 -15.39 -3.34 16.30
N THR A 350 -16.19 -2.37 15.84
CA THR A 350 -16.49 -1.17 16.61
C THR A 350 -17.60 -1.34 17.65
N ARG A 351 -18.27 -2.49 17.61
CA ARG A 351 -19.35 -2.79 18.54
C ARG A 351 -19.67 -4.28 18.47
N ASP A 352 -20.35 -4.78 19.49
CA ASP A 352 -20.74 -6.19 19.51
C ASP A 352 -21.50 -6.44 18.24
N VAL A 353 -21.15 -7.52 17.55
CA VAL A 353 -21.82 -7.82 16.29
C VAL A 353 -22.06 -9.31 16.13
N ARG A 354 -23.22 -9.64 15.58
CA ARG A 354 -23.57 -11.02 15.35
C ARG A 354 -23.32 -11.26 13.86
N PHE A 355 -22.15 -11.82 13.57
CA PHE A 355 -21.76 -12.10 12.19
C PHE A 355 -22.18 -13.52 11.87
N ARG A 356 -23.16 -13.65 10.98
CA ARG A 356 -23.71 -14.95 10.61
C ARG A 356 -24.25 -15.64 11.87
N ASN A 357 -23.94 -16.91 12.07
CA ASN A 357 -24.41 -17.62 13.25
C ASN A 357 -23.44 -17.51 14.44
N TYR A 358 -22.52 -16.56 14.38
CA TYR A 358 -21.54 -16.36 15.44
C TYR A 358 -21.67 -14.98 16.07
N PHE A 359 -21.09 -14.83 17.26
CA PHE A 359 -21.13 -13.56 17.98
C PHE A 359 -19.72 -13.02 18.21
N ILE A 360 -19.50 -11.78 17.79
CA ILE A 360 -18.19 -11.14 17.91
C ILE A 360 -18.29 -9.91 18.79
N PRO A 361 -17.69 -9.97 20.00
CA PRO A 361 -17.72 -8.85 20.94
C PRO A 361 -16.92 -7.65 20.47
N LYS A 362 -17.37 -6.46 20.87
CA LYS A 362 -16.71 -5.22 20.51
C LYS A 362 -15.20 -5.27 20.76
N GLY A 363 -14.43 -4.66 19.87
CA GLY A 363 -12.99 -4.63 20.00
C GLY A 363 -12.23 -5.85 19.54
N THR A 364 -12.94 -6.91 19.16
CA THR A 364 -12.28 -8.13 18.69
C THR A 364 -11.51 -7.82 17.39
N ASP A 365 -10.25 -8.24 17.36
CA ASP A 365 -9.40 -8.03 16.17
C ASP A 365 -9.89 -8.91 15.02
N ILE A 366 -9.81 -8.35 13.82
CA ILE A 366 -10.26 -9.03 12.61
C ILE A 366 -9.16 -9.05 11.54
N ILE A 367 -8.92 -10.21 10.96
CA ILE A 367 -7.95 -10.32 9.88
C ILE A 367 -8.69 -10.80 8.65
N THR A 368 -8.55 -10.07 7.55
CA THR A 368 -9.17 -10.46 6.29
C THR A 368 -8.08 -10.97 5.37
N SER A 369 -8.32 -12.12 4.75
CA SER A 369 -7.36 -12.69 3.83
C SER A 369 -7.58 -12.16 2.42
N LEU A 370 -6.79 -11.16 2.02
CA LEU A 370 -6.93 -10.60 0.68
C LEU A 370 -6.41 -11.63 -0.33
N THR A 371 -5.50 -12.48 0.10
CA THR A 371 -4.93 -13.54 -0.73
C THR A 371 -6.04 -14.46 -1.22
N SER A 372 -7.01 -14.71 -0.36
CA SER A 372 -8.12 -15.60 -0.72
C SER A 372 -9.03 -14.97 -1.76
N VAL A 373 -9.09 -13.63 -1.78
CA VAL A 373 -9.91 -12.93 -2.76
C VAL A 373 -9.15 -12.74 -4.09
N LEU A 374 -7.95 -12.19 -4.01
CA LEU A 374 -7.11 -11.96 -5.18
C LEU A 374 -6.71 -13.23 -5.90
N HIS A 375 -6.60 -14.33 -5.16
CA HIS A 375 -6.23 -15.60 -5.77
C HIS A 375 -7.38 -16.63 -5.84
N ASP A 376 -8.63 -16.14 -5.82
CA ASP A 376 -9.79 -17.03 -5.91
C ASP A 376 -9.70 -17.78 -7.24
N GLU A 377 -9.69 -19.11 -7.19
CA GLU A 377 -9.57 -19.91 -8.41
C GLU A 377 -10.73 -19.87 -9.38
N LYS A 378 -11.90 -19.47 -8.91
CA LYS A 378 -13.06 -19.37 -9.79
C LYS A 378 -13.07 -17.98 -10.46
N ALA A 379 -12.75 -16.94 -9.70
CA ALA A 379 -12.74 -15.58 -10.25
C ALA A 379 -11.56 -15.37 -11.20
N PHE A 380 -10.46 -16.06 -10.92
CA PHE A 380 -9.25 -15.97 -11.74
C PHE A 380 -8.68 -17.39 -11.98
N PRO A 381 -9.18 -18.09 -13.01
CA PRO A 381 -8.71 -19.45 -13.34
C PRO A 381 -7.19 -19.49 -13.43
N ASN A 382 -6.58 -20.42 -12.68
CA ASN A 382 -5.11 -20.56 -12.59
C ASN A 382 -4.63 -19.27 -11.94
N PRO A 383 -5.12 -18.98 -10.73
CA PRO A 383 -4.80 -17.79 -9.94
C PRO A 383 -3.35 -17.57 -9.57
N LYS A 384 -2.57 -18.64 -9.59
CA LYS A 384 -1.15 -18.54 -9.23
C LYS A 384 -0.28 -18.27 -10.44
N VAL A 385 -0.92 -18.14 -11.60
CA VAL A 385 -0.19 -17.87 -12.84
C VAL A 385 -0.44 -16.43 -13.28
N PHE A 386 0.64 -15.73 -13.61
CA PHE A 386 0.55 -14.36 -14.05
C PHE A 386 0.00 -14.36 -15.47
N ASP A 387 -1.15 -13.74 -15.65
CA ASP A 387 -1.79 -13.70 -16.96
C ASP A 387 -2.71 -12.50 -17.06
N PRO A 388 -2.33 -11.48 -17.84
CA PRO A 388 -3.15 -10.28 -18.02
C PRO A 388 -4.55 -10.64 -18.52
N GLY A 389 -4.67 -11.83 -19.12
CA GLY A 389 -5.94 -12.32 -19.62
C GLY A 389 -6.99 -12.39 -18.54
N HIS A 390 -6.56 -12.39 -17.28
CA HIS A 390 -7.49 -12.43 -16.16
C HIS A 390 -8.37 -11.20 -16.13
N PHE A 391 -7.94 -10.15 -16.83
CA PHE A 391 -8.67 -8.89 -16.86
C PHE A 391 -8.96 -8.43 -18.28
N LEU A 392 -9.11 -9.41 -19.16
CA LEU A 392 -9.38 -9.17 -20.57
C LEU A 392 -10.54 -10.08 -21.04
N ASP A 393 -11.44 -9.53 -21.87
CA ASP A 393 -12.53 -10.35 -22.42
C ASP A 393 -12.07 -10.88 -23.78
N GLU A 394 -12.87 -11.76 -24.40
CA GLU A 394 -12.51 -12.36 -25.68
C GLU A 394 -12.26 -11.38 -26.82
N SER A 395 -12.66 -10.12 -26.65
CA SER A 395 -12.45 -9.09 -27.65
C SER A 395 -11.26 -8.18 -27.31
N GLY A 396 -10.51 -8.53 -26.27
CA GLY A 396 -9.36 -7.73 -25.90
C GLY A 396 -9.69 -6.47 -25.12
N ASN A 397 -10.92 -6.36 -24.65
CA ASN A 397 -11.34 -5.20 -23.87
C ASN A 397 -11.14 -5.48 -22.38
N PHE A 398 -10.98 -4.44 -21.59
CA PHE A 398 -10.77 -4.58 -20.16
C PHE A 398 -11.95 -5.20 -19.43
N LYS A 399 -11.69 -6.18 -18.58
CA LYS A 399 -12.75 -6.83 -17.82
C LYS A 399 -12.55 -6.70 -16.30
N LYS A 400 -13.43 -5.94 -15.66
CA LYS A 400 -13.39 -5.74 -14.21
C LYS A 400 -13.73 -7.03 -13.47
N SER A 401 -13.43 -7.04 -12.17
CA SER A 401 -13.74 -8.20 -11.32
C SER A 401 -13.97 -7.69 -9.92
N ASP A 402 -15.01 -8.21 -9.28
CA ASP A 402 -15.33 -7.82 -7.91
C ASP A 402 -14.25 -8.33 -6.97
N TYR A 403 -13.47 -9.29 -7.45
CA TYR A 403 -12.41 -9.86 -6.62
C TYR A 403 -11.09 -9.09 -6.67
N PHE A 404 -11.04 -8.02 -7.45
CA PHE A 404 -9.83 -7.21 -7.53
C PHE A 404 -9.92 -6.32 -6.29
N MET A 405 -9.30 -6.78 -5.21
CA MET A 405 -9.35 -6.10 -3.92
C MET A 405 -7.97 -5.83 -3.28
N PRO A 406 -6.95 -5.42 -4.07
CA PRO A 406 -5.62 -5.16 -3.50
C PRO A 406 -5.58 -3.94 -2.60
N PHE A 407 -6.56 -3.05 -2.76
CA PHE A 407 -6.62 -1.85 -1.94
C PHE A 407 -7.63 -2.02 -0.80
N SER A 408 -8.08 -3.26 -0.61
CA SER A 408 -9.06 -3.63 0.39
C SER A 408 -10.44 -3.16 -0.07
N ALA A 409 -11.37 -3.02 0.87
CA ALA A 409 -12.74 -2.60 0.58
C ALA A 409 -13.43 -2.03 1.82
N GLY A 410 -14.55 -1.36 1.61
CA GLY A 410 -15.30 -0.81 2.74
C GLY A 410 -14.81 0.52 3.26
N LYS A 411 -15.20 0.81 4.50
CA LYS A 411 -14.88 2.06 5.18
C LYS A 411 -13.41 2.40 5.38
N ARG A 412 -12.55 1.38 5.47
CA ARG A 412 -11.11 1.61 5.67
C ARG A 412 -10.29 1.45 4.40
N MET A 413 -10.96 1.24 3.27
CA MET A 413 -10.30 1.05 1.99
C MET A 413 -9.20 2.09 1.76
N CYS A 414 -8.09 1.67 1.17
CA CYS A 414 -6.96 2.56 0.90
C CYS A 414 -7.35 3.99 0.46
N VAL A 415 -6.90 4.96 1.22
CA VAL A 415 -7.19 6.37 0.94
C VAL A 415 -6.46 6.89 -0.30
N GLY A 416 -5.27 6.35 -0.56
CA GLY A 416 -4.50 6.78 -1.71
C GLY A 416 -4.65 5.91 -2.95
N GLU A 417 -5.70 5.09 -2.99
CA GLU A 417 -5.95 4.21 -4.12
C GLU A 417 -5.85 4.91 -5.49
N GLY A 418 -6.52 6.06 -5.63
CA GLY A 418 -6.49 6.79 -6.89
C GLY A 418 -5.09 7.23 -7.23
N LEU A 419 -4.41 7.78 -6.24
CA LEU A 419 -3.05 8.26 -6.41
C LEU A 419 -2.09 7.12 -6.81
N ALA A 420 -2.24 5.97 -6.17
CA ALA A 420 -1.41 4.80 -6.43
C ALA A 420 -1.61 4.27 -7.84
N ARG A 421 -2.86 4.16 -8.28
CA ARG A 421 -3.14 3.66 -9.62
C ARG A 421 -2.59 4.58 -10.70
N MET A 422 -2.62 5.90 -10.45
CA MET A 422 -2.08 6.87 -11.41
C MET A 422 -0.57 6.68 -11.47
N GLU A 423 0.07 6.55 -10.31
CA GLU A 423 1.51 6.34 -10.27
C GLU A 423 1.91 5.09 -11.05
N LEU A 424 1.24 3.98 -10.81
CA LEU A 424 1.57 2.74 -11.51
C LEU A 424 1.42 2.91 -13.02
N PHE A 425 0.27 3.46 -13.44
CA PHE A 425 0.03 3.65 -14.85
C PHE A 425 1.04 4.60 -15.49
N LEU A 426 1.26 5.76 -14.89
CA LEU A 426 2.18 6.73 -15.49
C LEU A 426 3.67 6.39 -15.41
N PHE A 427 4.12 5.77 -14.32
CA PHE A 427 5.53 5.40 -14.22
C PHE A 427 5.84 4.21 -15.12
N LEU A 428 4.99 3.19 -15.09
CA LEU A 428 5.23 2.00 -15.90
C LEU A 428 5.19 2.32 -17.39
N THR A 429 4.21 3.10 -17.84
CA THR A 429 4.15 3.44 -19.27
C THR A 429 5.29 4.36 -19.65
N SER A 430 5.66 5.29 -18.77
CA SER A 430 6.77 6.17 -19.12
C SER A 430 8.07 5.35 -19.19
N ILE A 431 8.18 4.32 -18.35
CA ILE A 431 9.37 3.49 -18.38
C ILE A 431 9.40 2.65 -19.66
N LEU A 432 8.31 1.95 -19.96
CA LEU A 432 8.24 1.11 -21.14
C LEU A 432 8.24 1.87 -22.46
N GLN A 433 7.91 3.16 -22.41
CA GLN A 433 7.90 3.97 -23.60
C GLN A 433 9.32 4.36 -23.97
N ASN A 434 10.17 4.51 -22.96
CA ASN A 434 11.53 4.93 -23.15
C ASN A 434 12.62 3.89 -23.02
N PHE A 435 12.29 2.70 -22.53
CA PHE A 435 13.32 1.67 -22.37
C PHE A 435 12.84 0.27 -22.64
N LYS A 436 13.80 -0.59 -23.00
CA LYS A 436 13.57 -2.02 -23.19
C LYS A 436 14.25 -2.54 -21.91
N LEU A 437 13.68 -3.58 -21.33
CA LEU A 437 14.21 -4.15 -20.10
C LEU A 437 15.06 -5.36 -20.41
N GLN A 438 16.28 -5.38 -19.90
CA GLN A 438 17.17 -6.50 -20.15
C GLN A 438 17.66 -7.10 -18.84
N SER A 439 17.35 -8.38 -18.64
CA SER A 439 17.77 -9.11 -17.45
C SER A 439 19.13 -9.75 -17.66
N LEU A 440 19.84 -9.97 -16.56
CA LEU A 440 21.16 -10.58 -16.63
C LEU A 440 21.04 -12.08 -16.86
N VAL A 441 19.94 -12.66 -16.41
CA VAL A 441 19.68 -14.08 -16.59
C VAL A 441 18.45 -14.31 -17.46
N GLU A 442 18.27 -15.53 -17.93
CA GLU A 442 17.11 -15.85 -18.74
C GLU A 442 15.88 -15.91 -17.85
N PRO A 443 14.71 -15.56 -18.39
CA PRO A 443 13.44 -15.59 -17.64
C PRO A 443 13.26 -16.87 -16.82
N LYS A 444 13.64 -18.00 -17.41
CA LYS A 444 13.51 -19.29 -16.76
C LYS A 444 14.30 -19.42 -15.45
N ASP A 445 15.34 -18.61 -15.30
CA ASP A 445 16.18 -18.62 -14.09
C ASP A 445 15.85 -17.47 -13.14
N LEU A 446 14.83 -16.69 -13.50
CA LEU A 446 14.43 -15.55 -12.70
C LEU A 446 13.43 -15.93 -11.60
N ASP A 447 13.82 -15.67 -10.36
CA ASP A 447 12.99 -15.97 -9.19
C ASP A 447 11.99 -14.85 -8.97
N ILE A 448 10.71 -15.17 -9.00
CA ILE A 448 9.68 -14.18 -8.77
C ILE A 448 8.82 -14.47 -7.52
N THR A 449 9.24 -15.45 -6.74
CA THR A 449 8.51 -15.82 -5.52
C THR A 449 8.74 -14.77 -4.45
N ALA A 450 7.65 -14.24 -3.92
CA ALA A 450 7.71 -13.21 -2.90
C ALA A 450 8.05 -13.79 -1.53
N VAL A 451 8.67 -12.94 -0.72
CA VAL A 451 9.00 -13.28 0.65
C VAL A 451 8.34 -12.15 1.43
N VAL A 452 7.42 -12.51 2.31
CA VAL A 452 6.75 -11.50 3.12
C VAL A 452 7.76 -10.99 4.15
N ASN A 453 8.02 -9.69 4.13
CA ASN A 453 8.95 -9.13 5.10
C ASN A 453 8.15 -8.69 6.31
N GLY A 454 7.58 -7.50 6.27
CA GLY A 454 6.78 -7.05 7.40
C GLY A 454 5.33 -7.40 7.11
N PHE A 455 4.61 -6.43 6.57
CA PHE A 455 3.22 -6.61 6.19
C PHE A 455 3.17 -6.93 4.70
N VAL A 456 4.27 -6.61 4.03
CA VAL A 456 4.38 -6.73 2.59
C VAL A 456 5.15 -7.89 1.95
N SER A 457 4.61 -8.37 0.84
CA SER A 457 5.23 -9.42 0.05
C SER A 457 6.22 -8.68 -0.83
N VAL A 458 7.51 -8.90 -0.61
CA VAL A 458 8.49 -8.20 -1.43
C VAL A 458 9.11 -9.15 -2.43
N PRO A 459 9.47 -8.64 -3.61
CA PRO A 459 10.07 -9.49 -4.64
C PRO A 459 11.53 -9.79 -4.29
N PRO A 460 12.08 -10.88 -4.86
CA PRO A 460 13.48 -11.21 -4.59
C PRO A 460 14.31 -10.09 -5.22
N SER A 461 15.55 -9.93 -4.77
CA SER A 461 16.42 -8.90 -5.31
C SER A 461 16.77 -9.28 -6.75
N TYR A 462 16.90 -8.29 -7.62
CA TYR A 462 17.27 -8.55 -9.00
C TYR A 462 17.91 -7.32 -9.58
N GLN A 463 18.60 -7.49 -10.69
CA GLN A 463 19.24 -6.38 -11.37
C GLN A 463 18.83 -6.42 -12.83
N LEU A 464 18.89 -5.27 -13.49
CA LEU A 464 18.52 -5.20 -14.89
C LEU A 464 19.16 -3.99 -15.54
N CYS A 465 19.10 -3.96 -16.85
CA CYS A 465 19.61 -2.81 -17.59
C CYS A 465 18.43 -2.12 -18.25
N PHE A 466 18.45 -0.79 -18.24
CA PHE A 466 17.40 -0.01 -18.87
C PHE A 466 17.98 0.48 -20.19
N ILE A 467 17.70 -0.26 -21.25
CA ILE A 467 18.17 0.06 -22.58
C ILE A 467 17.28 1.13 -23.22
N PRO A 468 17.82 2.33 -23.45
CA PRO A 468 17.06 3.42 -24.08
C PRO A 468 16.54 3.06 -25.47
N ILE A 469 15.31 3.46 -25.77
CA ILE A 469 14.72 3.22 -27.07
C ILE A 469 14.83 4.51 -27.87
N HIS A 470 15.54 4.47 -28.99
CA HIS A 470 15.71 5.66 -29.83
C HIS A 470 15.85 5.29 -31.31
#